data_4DUT
#
_entry.id   4DUT
#
_cell.length_a   80.720
_cell.length_b   80.720
_cell.length_c   112.960
_cell.angle_alpha   90.000
_cell.angle_beta   90.000
_cell.angle_gamma   90.000
#
_symmetry.space_group_name_H-M   'P 41 21 2'
#
loop_
_entity.id
_entity.type
_entity.pdbx_description
1 polymer 'Nucleoside diphosphate kinase'
2 non-polymer 'SULFATE ION'
3 non-polymer 'CHLORIDE ION'
4 water water
#
_entity_poly.entity_id   1
_entity_poly.type   'polypeptide(L)'
_entity_poly.pdbx_seq_one_letter_code
;GPGSMALERTLSIIKPDAVAKNVIGQIYSRFENAGLKIVAARMAHLSRADAEKFYAVHAERPFFKDLVEFMISGPVMIQV
LEGEDAILKNRDLMGATDPKKAEKGTIRADFADSIDANAVHGSDAPETARVEIAFFFPEMNVYSR
;
_entity_poly.pdbx_strand_id   A,B
#
# COMPACT_ATOMS: atom_id res chain seq x y z
N ALA A 6 8.59 -14.07 -7.44
CA ALA A 6 7.28 -14.46 -6.85
C ALA A 6 6.24 -13.33 -6.97
N LEU A 7 6.35 -12.53 -8.02
CA LEU A 7 5.36 -11.49 -8.28
C LEU A 7 4.28 -11.96 -9.30
N GLU A 8 3.11 -12.26 -8.73
CA GLU A 8 1.95 -12.65 -9.51
C GLU A 8 1.19 -11.43 -10.05
N ARG A 9 0.09 -11.70 -10.75
CA ARG A 9 -0.71 -10.69 -11.36
C ARG A 9 -2.17 -11.03 -11.16
N THR A 10 -2.97 -9.99 -11.03
CA THR A 10 -4.39 -10.13 -10.85
C THR A 10 -5.07 -9.08 -11.69
N LEU A 11 -6.31 -9.38 -12.09
CA LEU A 11 -7.07 -8.40 -12.84
C LEU A 11 -7.99 -7.62 -11.92
N SER A 12 -7.96 -6.29 -12.07
CA SER A 12 -8.77 -5.38 -11.28
C SER A 12 -9.69 -4.58 -12.20
N ILE A 13 -10.94 -4.38 -11.80
CA ILE A 13 -11.79 -3.45 -12.50
C ILE A 13 -12.32 -2.44 -11.49
N ILE A 14 -12.19 -1.16 -11.82
CA ILE A 14 -12.92 -0.09 -11.18
C ILE A 14 -14.26 0.03 -11.93
N LYS A 15 -15.34 -0.35 -11.24
CA LYS A 15 -16.69 -0.49 -11.80
C LYS A 15 -17.31 0.86 -12.14
N PRO A 16 -18.44 0.87 -12.88
CA PRO A 16 -18.91 2.15 -13.41
C PRO A 16 -19.37 3.15 -12.37
N ASP A 17 -19.76 2.67 -11.19
CA ASP A 17 -20.19 3.55 -10.10
C ASP A 17 -19.00 4.31 -9.56
N ALA A 18 -17.83 3.65 -9.45
CA ALA A 18 -16.62 4.33 -8.92
C ALA A 18 -15.92 5.19 -9.96
N VAL A 19 -15.98 4.81 -11.24
CA VAL A 19 -15.53 5.69 -12.33
C VAL A 19 -16.40 6.98 -12.31
N ALA A 20 -17.72 6.85 -12.13
CA ALA A 20 -18.63 7.98 -12.20
C ALA A 20 -18.39 8.99 -11.07
N LYS A 21 -17.79 8.52 -9.97
CA LYS A 21 -17.40 9.36 -8.83
C LYS A 21 -16.04 10.04 -8.96
N ASN A 22 -15.31 9.73 -10.03
CA ASN A 22 -14.02 10.29 -10.27
C ASN A 22 -13.04 10.05 -9.12
N VAL A 23 -12.92 8.80 -8.72
CA VAL A 23 -11.99 8.39 -7.68
C VAL A 23 -11.03 7.30 -8.19
N ILE A 24 -10.82 7.23 -9.50
CA ILE A 24 -9.85 6.30 -10.10
C ILE A 24 -8.48 6.48 -9.46
N GLY A 25 -8.09 7.74 -9.27
CA GLY A 25 -6.80 8.09 -8.67
C GLY A 25 -6.65 7.56 -7.26
N GLN A 26 -7.66 7.78 -6.39
CA GLN A 26 -7.55 7.35 -4.98
C GLN A 26 -7.42 5.84 -4.92
N ILE A 27 -8.20 5.15 -5.74
CA ILE A 27 -8.16 3.69 -5.74
C ILE A 27 -6.76 3.25 -6.22
N TYR A 28 -6.34 3.74 -7.39
CA TYR A 28 -4.99 3.50 -7.89
C TYR A 28 -3.89 3.71 -6.85
N SER A 29 -4.02 4.74 -6.04
CA SER A 29 -3.05 5.05 -4.98
C SER A 29 -3.05 3.99 -3.88
N ARG A 30 -4.21 3.39 -3.64
CA ARG A 30 -4.24 2.30 -2.69
C ARG A 30 -3.53 1.08 -3.22
N PHE A 31 -3.64 0.81 -4.51
CA PHE A 31 -2.86 -0.27 -5.10
C PHE A 31 -1.35 0.00 -4.99
N GLU A 32 -0.94 1.21 -5.37
CA GLU A 32 0.47 1.61 -5.44
C GLU A 32 1.16 1.71 -4.04
N ASN A 33 0.46 2.33 -3.10
CA ASN A 33 0.89 2.36 -1.70
C ASN A 33 0.89 0.99 -1.01
N ALA A 34 0.14 0.02 -1.53
CA ALA A 34 0.25 -1.37 -1.03
C ALA A 34 1.36 -2.16 -1.78
N GLY A 35 2.13 -1.45 -2.60
CA GLY A 35 3.25 -2.05 -3.33
C GLY A 35 2.85 -2.79 -4.59
N LEU A 36 1.65 -2.56 -5.10
CA LEU A 36 1.25 -3.18 -6.38
C LEU A 36 1.58 -2.23 -7.51
N LYS A 37 1.88 -2.76 -8.68
CA LYS A 37 2.22 -1.93 -9.80
C LYS A 37 1.19 -2.19 -10.89
N ILE A 38 0.78 -1.12 -11.57
CA ILE A 38 -0.11 -1.18 -12.70
C ILE A 38 0.73 -1.57 -13.89
N VAL A 39 0.52 -2.76 -14.42
CA VAL A 39 1.34 -3.18 -15.57
C VAL A 39 0.56 -3.28 -16.86
N ALA A 40 -0.76 -3.08 -16.78
CA ALA A 40 -1.62 -3.01 -17.94
C ALA A 40 -2.84 -2.23 -17.50
N ALA A 41 -3.40 -1.44 -18.43
CA ALA A 41 -4.57 -0.62 -18.10
C ALA A 41 -5.28 -0.17 -19.36
N ARG A 42 -6.60 -0.14 -19.28
CA ARG A 42 -7.39 0.57 -20.25
C ARG A 42 -8.76 0.89 -19.70
N MET A 43 -9.36 1.94 -20.25
CA MET A 43 -10.70 2.35 -19.94
C MET A 43 -11.54 1.77 -21.05
N ALA A 44 -12.65 1.17 -20.70
CA ALA A 44 -13.48 0.46 -21.69
C ALA A 44 -14.94 0.60 -21.31
N HIS A 45 -15.82 0.41 -22.26
CA HIS A 45 -17.21 0.22 -21.94
C HIS A 45 -17.61 -1.13 -22.47
N LEU A 46 -17.70 -2.09 -21.56
CA LEU A 46 -18.08 -3.46 -21.91
C LEU A 46 -19.49 -3.50 -22.53
N SER A 47 -19.64 -4.34 -23.55
CA SER A 47 -20.95 -4.69 -24.08
C SER A 47 -21.54 -5.68 -23.13
N ARG A 48 -22.86 -5.86 -23.23
CA ARG A 48 -23.53 -6.89 -22.44
C ARG A 48 -22.90 -8.28 -22.64
N ALA A 49 -22.67 -8.67 -23.89
CA ALA A 49 -22.00 -9.92 -24.23
C ALA A 49 -20.67 -10.10 -23.49
N ASP A 50 -19.80 -9.09 -23.53
CA ASP A 50 -18.52 -9.19 -22.81
C ASP A 50 -18.73 -9.40 -21.33
N ALA A 51 -19.66 -8.67 -20.74
CA ALA A 51 -19.91 -8.80 -19.30
C ALA A 51 -20.37 -10.21 -18.97
N GLU A 52 -21.18 -10.78 -19.86
CA GLU A 52 -21.68 -12.14 -19.66
C GLU A 52 -20.58 -13.18 -19.67
N LYS A 53 -19.69 -13.13 -20.67
CA LYS A 53 -18.59 -14.10 -20.73
C LYS A 53 -17.72 -13.91 -19.51
N PHE A 54 -17.53 -12.66 -19.12
CA PHE A 54 -16.69 -12.37 -17.97
C PHE A 54 -17.26 -13.00 -16.72
N TYR A 55 -18.58 -12.93 -16.58
CA TYR A 55 -19.24 -13.46 -15.38
C TYR A 55 -19.88 -14.85 -15.55
N ALA A 56 -19.52 -15.57 -16.61
CA ALA A 56 -20.09 -16.89 -16.94
C ALA A 56 -20.23 -17.80 -15.73
N VAL A 57 -19.15 -17.91 -14.96
CA VAL A 57 -19.15 -18.78 -13.77
C VAL A 57 -20.36 -18.53 -12.82
N HIS A 58 -21.00 -17.37 -12.92
CA HIS A 58 -22.21 -17.06 -12.15
C HIS A 58 -23.50 -17.09 -12.95
N ALA A 59 -23.51 -17.65 -14.17
CA ALA A 59 -24.67 -17.53 -15.08
C ALA A 59 -26.00 -18.03 -14.51
N GLU A 60 -26.03 -19.27 -14.06
CA GLU A 60 -27.27 -19.85 -13.54
C GLU A 60 -27.52 -19.43 -12.08
N ARG A 61 -27.06 -18.22 -11.71
CA ARG A 61 -27.16 -17.70 -10.33
C ARG A 61 -28.16 -16.52 -10.22
N PRO A 62 -28.79 -16.34 -9.04
CA PRO A 62 -29.82 -15.28 -8.88
C PRO A 62 -29.31 -13.86 -9.13
N PHE A 63 -28.08 -13.58 -8.71
CA PHE A 63 -27.49 -12.24 -8.81
C PHE A 63 -26.80 -11.96 -10.15
N PHE A 64 -27.10 -12.74 -11.20
CA PHE A 64 -26.40 -12.61 -12.49
C PHE A 64 -26.86 -11.40 -13.28
N LYS A 65 -28.17 -11.28 -13.50
CA LYS A 65 -28.75 -10.15 -14.26
C LYS A 65 -28.19 -8.80 -13.78
N ASP A 66 -28.34 -8.55 -12.47
CA ASP A 66 -27.86 -7.31 -11.80
C ASP A 66 -26.36 -7.08 -11.94
N LEU A 67 -25.59 -8.16 -11.88
CA LEU A 67 -24.14 -8.06 -11.93
C LEU A 67 -23.67 -7.64 -13.32
N VAL A 68 -24.28 -8.21 -14.36
CA VAL A 68 -24.01 -7.79 -15.76
C VAL A 68 -24.43 -6.33 -16.00
N GLU A 69 -25.65 -5.98 -15.64
CA GLU A 69 -26.19 -4.64 -15.89
C GLU A 69 -25.49 -3.51 -15.11
N PHE A 70 -25.05 -3.78 -13.87
CA PHE A 70 -24.23 -2.82 -13.13
C PHE A 70 -22.81 -2.71 -13.73
N MET A 71 -22.31 -3.75 -14.40
CA MET A 71 -20.99 -3.69 -15.05
C MET A 71 -21.03 -2.96 -16.40
N ILE A 72 -22.18 -2.91 -17.08
CA ILE A 72 -22.26 -2.25 -18.41
C ILE A 72 -22.93 -0.85 -18.44
N SER A 73 -23.28 -0.30 -17.28
CA SER A 73 -24.03 0.96 -17.19
C SER A 73 -23.21 2.23 -17.52
N GLY A 74 -21.90 2.09 -17.62
CA GLY A 74 -21.02 3.21 -17.94
C GLY A 74 -19.62 2.65 -18.11
N PRO A 75 -18.65 3.52 -18.45
CA PRO A 75 -17.25 3.13 -18.59
C PRO A 75 -16.64 2.58 -17.30
N VAL A 76 -15.71 1.62 -17.46
CA VAL A 76 -14.94 1.06 -16.35
C VAL A 76 -13.45 1.22 -16.60
N MET A 77 -12.67 1.10 -15.54
CA MET A 77 -11.23 1.24 -15.64
C MET A 77 -10.61 -0.11 -15.30
N ILE A 78 -9.96 -0.73 -16.28
CA ILE A 78 -9.46 -2.08 -16.14
C ILE A 78 -7.95 -2.03 -16.06
N GLN A 79 -7.39 -2.72 -15.06
CA GLN A 79 -5.94 -2.85 -14.91
C GLN A 79 -5.42 -4.19 -14.37
N VAL A 80 -4.24 -4.55 -14.83
CA VAL A 80 -3.50 -5.66 -14.29
C VAL A 80 -2.56 -5.10 -13.24
N LEU A 81 -2.66 -5.64 -12.02
CA LEU A 81 -1.81 -5.25 -10.89
C LEU A 81 -0.82 -6.38 -10.64
N GLU A 82 0.45 -6.01 -10.46
CA GLU A 82 1.53 -6.97 -10.27
C GLU A 82 2.29 -6.70 -8.98
N GLY A 83 2.68 -7.78 -8.32
CA GLY A 83 3.37 -7.71 -7.05
C GLY A 83 3.28 -9.01 -6.29
N GLU A 84 4.05 -9.11 -5.23
CA GLU A 84 3.98 -10.25 -4.34
C GLU A 84 2.58 -10.34 -3.74
N ASP A 85 2.00 -11.54 -3.81
CA ASP A 85 0.64 -11.84 -3.37
C ASP A 85 -0.36 -10.83 -3.92
N ALA A 86 -0.12 -10.39 -5.15
CA ALA A 86 -1.02 -9.43 -5.79
C ALA A 86 -2.50 -9.79 -5.59
N ILE A 87 -2.89 -11.06 -5.77
CA ILE A 87 -4.30 -11.46 -5.76
C ILE A 87 -4.94 -11.19 -4.42
N LEU A 88 -4.27 -11.61 -3.35
CA LEU A 88 -4.80 -11.49 -2.00
C LEU A 88 -4.69 -10.06 -1.46
N LYS A 89 -3.62 -9.36 -1.84
CA LYS A 89 -3.40 -7.98 -1.42
C LYS A 89 -4.53 -7.14 -2.01
N ASN A 90 -4.77 -7.31 -3.29
CA ASN A 90 -5.87 -6.63 -3.92
C ASN A 90 -7.18 -6.91 -3.16
N ARG A 91 -7.46 -8.17 -2.85
CA ARG A 91 -8.65 -8.54 -2.09
C ARG A 91 -8.71 -7.89 -0.71
N ASP A 92 -7.59 -7.85 0.01
CA ASP A 92 -7.53 -7.13 1.30
C ASP A 92 -7.90 -5.67 1.14
N LEU A 93 -7.36 -5.01 0.11
CA LEU A 93 -7.61 -3.59 -0.13
C LEU A 93 -9.05 -3.33 -0.54
N MET A 94 -9.65 -4.29 -1.24
CA MET A 94 -11.01 -4.13 -1.73
C MET A 94 -12.02 -4.24 -0.59
N GLY A 95 -11.82 -5.23 0.28
CA GLY A 95 -12.74 -5.53 1.38
C GLY A 95 -13.84 -6.49 0.96
N ALA A 96 -14.72 -6.79 1.89
CA ALA A 96 -15.86 -7.70 1.68
C ALA A 96 -16.74 -7.27 0.51
N THR A 97 -17.35 -8.25 -0.14
CA THR A 97 -18.24 -7.99 -1.27
C THR A 97 -19.46 -7.13 -0.87
N ASP A 98 -20.00 -7.32 0.32
CA ASP A 98 -21.00 -6.43 0.88
C ASP A 98 -20.29 -5.29 1.62
N PRO A 99 -20.44 -4.03 1.15
CA PRO A 99 -19.89 -2.88 1.89
C PRO A 99 -20.31 -2.83 3.34
N LYS A 100 -21.56 -3.19 3.64
CA LYS A 100 -22.06 -3.19 5.01
C LYS A 100 -21.12 -4.00 5.90
N LYS A 101 -20.76 -5.19 5.45
CA LYS A 101 -19.86 -6.08 6.20
C LYS A 101 -18.36 -5.90 5.83
N ALA A 102 -17.97 -4.73 5.30
CA ALA A 102 -16.61 -4.51 4.84
C ALA A 102 -15.80 -3.69 5.84
N GLU A 103 -14.54 -4.07 6.04
CA GLU A 103 -13.72 -3.46 7.09
C GLU A 103 -13.32 -1.99 6.78
N LYS A 104 -13.14 -1.21 7.84
CA LYS A 104 -12.77 0.19 7.72
C LYS A 104 -11.43 0.30 7.00
N GLY A 105 -11.34 1.21 6.05
CA GLY A 105 -10.09 1.44 5.31
C GLY A 105 -10.03 0.75 3.96
N THR A 106 -11.02 -0.06 3.62
CA THR A 106 -11.02 -0.76 2.36
C THR A 106 -11.72 0.08 1.30
N ILE A 107 -11.47 -0.28 0.04
CA ILE A 107 -12.05 0.39 -1.12
C ILE A 107 -13.57 0.34 -1.13
N ARG A 108 -14.14 -0.78 -0.70
CA ARG A 108 -15.57 -0.93 -0.75
C ARG A 108 -16.26 -0.19 0.39
N ALA A 109 -15.69 -0.27 1.60
CA ALA A 109 -16.20 0.50 2.73
C ALA A 109 -16.26 1.99 2.37
N ASP A 110 -15.23 2.48 1.67
CA ASP A 110 -15.09 3.89 1.36
C ASP A 110 -15.87 4.36 0.13
N PHE A 111 -16.04 3.52 -0.89
CA PHE A 111 -16.59 3.99 -2.19
C PHE A 111 -17.78 3.21 -2.74
N ALA A 112 -18.12 2.12 -2.10
CA ALA A 112 -19.15 1.24 -2.62
C ALA A 112 -20.47 1.73 -2.10
N ASP A 113 -21.46 1.85 -3.00
CA ASP A 113 -22.82 2.26 -2.58
C ASP A 113 -23.76 1.12 -2.12
N SER A 114 -23.51 -0.11 -2.56
CA SER A 114 -24.33 -1.26 -2.19
C SER A 114 -23.63 -2.56 -2.62
N ILE A 115 -24.30 -3.71 -2.51
CA ILE A 115 -23.72 -4.98 -2.94
C ILE A 115 -23.47 -4.97 -4.47
N ASP A 116 -24.39 -4.36 -5.19
CA ASP A 116 -24.34 -4.30 -6.65
C ASP A 116 -23.39 -3.20 -7.11
N ALA A 117 -23.52 -2.01 -6.52
CA ALA A 117 -22.61 -0.92 -6.84
C ALA A 117 -21.46 -0.99 -5.86
N ASN A 118 -20.57 -1.95 -6.06
CA ASN A 118 -19.51 -2.20 -5.10
C ASN A 118 -18.10 -1.79 -5.52
N ALA A 119 -18.01 -0.81 -6.41
CA ALA A 119 -16.77 -0.06 -6.66
C ALA A 119 -15.69 -0.80 -7.46
N VAL A 120 -15.39 -2.05 -7.10
CA VAL A 120 -14.30 -2.80 -7.72
C VAL A 120 -14.52 -4.29 -7.93
N HIS A 121 -13.71 -4.87 -8.82
CA HIS A 121 -13.54 -6.34 -8.93
C HIS A 121 -12.09 -6.67 -8.77
N GLY A 122 -11.80 -7.84 -8.20
CA GLY A 122 -10.43 -8.38 -8.17
C GLY A 122 -10.53 -9.87 -8.44
N SER A 123 -9.52 -10.47 -9.07
CA SER A 123 -9.58 -11.90 -9.37
C SER A 123 -9.46 -12.67 -8.06
N ASP A 124 -10.07 -13.86 -7.98
CA ASP A 124 -10.16 -14.58 -6.71
C ASP A 124 -9.14 -15.73 -6.50
N ALA A 125 -8.43 -16.12 -7.53
CA ALA A 125 -7.42 -17.16 -7.38
C ALA A 125 -6.52 -17.13 -8.60
N PRO A 126 -5.43 -17.89 -8.60
CA PRO A 126 -4.52 -17.82 -9.75
C PRO A 126 -5.13 -18.16 -11.11
N GLU A 127 -5.93 -19.21 -11.20
CA GLU A 127 -6.55 -19.59 -12.48
C GLU A 127 -7.56 -18.56 -12.99
N THR A 128 -8.37 -17.99 -12.11
CA THR A 128 -9.28 -16.92 -12.51
C THR A 128 -8.50 -15.65 -12.92
N ALA A 129 -7.41 -15.36 -12.21
CA ALA A 129 -6.56 -14.21 -12.55
C ALA A 129 -5.94 -14.37 -13.94
N ARG A 130 -5.40 -15.55 -14.25
CA ARG A 130 -4.84 -15.80 -15.59
C ARG A 130 -5.88 -15.62 -16.69
N VAL A 131 -7.09 -16.14 -16.47
CA VAL A 131 -8.14 -16.12 -17.48
C VAL A 131 -8.71 -14.73 -17.66
N GLU A 132 -8.87 -13.97 -16.58
CA GLU A 132 -9.38 -12.60 -16.66
C GLU A 132 -8.36 -11.67 -17.32
N ILE A 133 -7.08 -11.79 -16.96
CA ILE A 133 -6.07 -10.95 -17.61
C ILE A 133 -6.08 -11.19 -19.13
N ALA A 134 -6.04 -12.44 -19.56
CA ALA A 134 -6.07 -12.79 -20.98
C ALA A 134 -7.38 -12.33 -21.63
N PHE A 135 -8.47 -12.21 -20.89
CA PHE A 135 -9.74 -11.82 -21.49
C PHE A 135 -9.66 -10.37 -21.94
N PHE A 136 -9.01 -9.54 -21.13
CA PHE A 136 -8.95 -8.10 -21.37
C PHE A 136 -7.70 -7.58 -22.04
N PHE A 137 -6.58 -8.30 -21.93
CA PHE A 137 -5.31 -7.78 -22.45
C PHE A 137 -4.54 -8.84 -23.19
N PRO A 138 -4.00 -8.51 -24.38
CA PRO A 138 -2.98 -9.37 -24.99
C PRO A 138 -1.68 -9.18 -24.22
N GLU A 139 -0.86 -10.22 -24.05
CA GLU A 139 0.37 -10.08 -23.23
C GLU A 139 1.28 -9.00 -23.77
N MET A 140 1.29 -8.84 -25.07
CA MET A 140 1.98 -7.74 -25.74
C MET A 140 1.74 -6.37 -25.08
N ASN A 141 0.60 -6.20 -24.42
CA ASN A 141 0.29 -4.95 -23.72
C ASN A 141 0.30 -5.07 -22.19
N VAL A 142 0.88 -6.13 -21.67
CA VAL A 142 1.09 -6.24 -20.24
C VAL A 142 2.59 -6.06 -20.03
N TYR A 143 3.00 -5.02 -19.33
CA TYR A 143 4.43 -4.68 -19.18
C TYR A 143 4.96 -4.98 -17.79
N SER A 144 5.40 -6.20 -17.58
CA SER A 144 6.13 -6.54 -16.36
C SER A 144 7.29 -5.52 -16.10
N ARG A 145 7.27 -4.95 -14.90
CA ARG A 145 8.36 -4.11 -14.41
C ARG A 145 8.36 -4.06 -12.87
N LEU B 7 22.90 10.61 26.46
CA LEU B 7 22.57 9.75 25.29
C LEU B 7 21.14 9.24 25.36
N GLU B 8 20.49 9.25 24.22
CA GLU B 8 19.13 8.82 24.11
C GLU B 8 19.22 7.89 22.92
N ARG B 9 18.38 6.87 22.90
CA ARG B 9 18.24 6.06 21.71
C ARG B 9 16.83 6.26 21.19
N THR B 10 16.68 6.22 19.88
CA THR B 10 15.36 6.30 19.30
C THR B 10 15.23 5.33 18.13
N LEU B 11 14.00 4.96 17.80
CA LEU B 11 13.78 4.02 16.72
C LEU B 11 13.33 4.73 15.47
N SER B 12 14.10 4.52 14.41
CA SER B 12 13.89 5.12 13.12
C SER B 12 13.53 4.02 12.14
N ILE B 13 12.60 4.33 11.23
CA ILE B 13 12.26 3.43 10.14
C ILE B 13 12.18 4.21 8.85
N ILE B 14 12.91 3.73 7.84
CA ILE B 14 12.81 4.27 6.50
C ILE B 14 11.76 3.39 5.84
N LYS B 15 10.61 3.99 5.57
CA LYS B 15 9.44 3.27 5.07
C LYS B 15 9.63 2.77 3.65
N PRO B 16 8.71 1.93 3.15
CA PRO B 16 8.97 1.27 1.88
C PRO B 16 9.05 2.19 0.69
N ASP B 17 8.26 3.26 0.69
CA ASP B 17 8.35 4.32 -0.33
C ASP B 17 9.77 4.86 -0.44
N ALA B 18 10.35 5.24 0.69
CA ALA B 18 11.70 5.80 0.71
C ALA B 18 12.76 4.77 0.28
N VAL B 19 12.60 3.52 0.70
CA VAL B 19 13.54 2.44 0.31
C VAL B 19 13.43 2.22 -1.19
N ALA B 20 12.21 2.25 -1.71
CA ALA B 20 11.98 2.01 -3.13
C ALA B 20 12.67 3.10 -3.98
N LYS B 21 12.81 4.29 -3.41
CA LYS B 21 13.51 5.39 -4.05
C LYS B 21 15.07 5.29 -3.96
N ASN B 22 15.60 4.35 -3.17
CA ASN B 22 17.05 4.20 -3.08
C ASN B 22 17.74 5.45 -2.51
N VAL B 23 17.15 6.01 -1.49
CA VAL B 23 17.71 7.15 -0.78
C VAL B 23 18.02 6.80 0.66
N ILE B 24 18.33 5.53 0.93
CA ILE B 24 18.67 5.11 2.28
C ILE B 24 19.94 5.84 2.74
N GLY B 25 20.92 5.92 1.85
CA GLY B 25 22.22 6.57 2.12
C GLY B 25 22.08 8.04 2.49
N GLN B 26 21.29 8.76 1.71
CA GLN B 26 21.03 10.18 1.99
C GLN B 26 20.33 10.42 3.32
N ILE B 27 19.36 9.56 3.64
CA ILE B 27 18.61 9.69 4.87
C ILE B 27 19.53 9.36 6.05
N TYR B 28 20.38 8.36 5.87
CA TYR B 28 21.39 8.01 6.88
C TYR B 28 22.38 9.16 7.13
N SER B 29 22.75 9.87 6.07
CA SER B 29 23.66 11.02 6.20
C SER B 29 23.06 12.17 7.00
N ARG B 30 21.75 12.37 6.87
CA ARG B 30 21.04 13.36 7.71
C ARG B 30 21.24 13.01 9.17
N PHE B 31 21.12 11.73 9.50
CA PHE B 31 21.25 11.29 10.87
C PHE B 31 22.68 11.51 11.34
N GLU B 32 23.64 11.08 10.52
CA GLU B 32 25.04 11.06 10.94
C GLU B 32 25.65 12.46 11.01
N ASN B 33 25.38 13.27 9.99
CA ASN B 33 25.86 14.64 9.92
C ASN B 33 25.34 15.51 11.07
N ALA B 34 24.27 15.06 11.72
CA ALA B 34 23.69 15.78 12.85
C ALA B 34 24.18 15.25 14.20
N GLY B 35 25.17 14.38 14.21
CA GLY B 35 25.71 13.84 15.47
C GLY B 35 25.14 12.50 15.93
N LEU B 36 24.03 12.06 15.35
CA LEU B 36 23.43 10.77 15.72
C LEU B 36 24.23 9.61 15.13
N LYS B 37 24.22 8.50 15.84
CA LYS B 37 25.02 7.35 15.48
C LYS B 37 24.05 6.18 15.20
N ILE B 38 24.36 5.40 14.16
CA ILE B 38 23.62 4.17 13.90
C ILE B 38 24.15 3.07 14.81
N VAL B 39 23.35 2.67 15.80
CA VAL B 39 23.82 1.68 16.78
C VAL B 39 23.26 0.27 16.56
N ALA B 40 22.23 0.18 15.73
CA ALA B 40 21.66 -1.10 15.34
C ALA B 40 20.92 -0.85 14.05
N ALA B 41 20.95 -1.82 13.15
CA ALA B 41 20.34 -1.62 11.85
C ALA B 41 19.94 -2.94 11.25
N ARG B 42 18.82 -2.93 10.52
CA ARG B 42 18.45 -4.06 9.69
C ARG B 42 17.42 -3.74 8.61
N MET B 43 17.48 -4.47 7.51
CA MET B 43 16.50 -4.36 6.47
C MET B 43 15.51 -5.51 6.67
N ALA B 44 14.23 -5.19 6.63
CA ALA B 44 13.20 -6.19 6.94
C ALA B 44 12.01 -6.00 6.05
N HIS B 45 11.21 -7.04 5.90
CA HIS B 45 9.88 -6.92 5.32
C HIS B 45 8.87 -7.37 6.35
N LEU B 46 8.21 -6.44 7.02
CA LEU B 46 7.22 -6.79 8.04
C LEU B 46 6.06 -7.62 7.50
N SER B 47 5.54 -8.51 8.32
CA SER B 47 4.35 -9.28 8.00
C SER B 47 3.16 -8.44 8.33
N ARG B 48 1.99 -8.87 7.87
CA ARG B 48 0.74 -8.22 8.26
C ARG B 48 0.70 -8.11 9.79
N ALA B 49 0.86 -9.25 10.47
CA ALA B 49 0.76 -9.31 11.93
C ALA B 49 1.82 -8.47 12.65
N ASP B 50 3.04 -8.47 12.15
CA ASP B 50 4.09 -7.60 12.73
C ASP B 50 3.66 -6.14 12.65
N ALA B 51 3.22 -5.71 11.47
CA ALA B 51 2.78 -4.32 11.27
C ALA B 51 1.59 -4.00 12.16
N GLU B 52 0.69 -4.96 12.31
CA GLU B 52 -0.46 -4.78 13.20
C GLU B 52 -0.01 -4.61 14.66
N LYS B 53 0.88 -5.48 15.12
CA LYS B 53 1.46 -5.37 16.45
C LYS B 53 2.14 -4.02 16.68
N PHE B 54 2.93 -3.58 15.71
CA PHE B 54 3.72 -2.35 15.90
C PHE B 54 2.86 -1.08 15.92
N TYR B 55 1.80 -1.06 15.12
CA TYR B 55 0.88 0.09 15.10
C TYR B 55 -0.29 -0.08 16.09
N ALA B 56 -0.09 -0.87 17.15
CA ALA B 56 -0.99 -0.84 18.33
C ALA B 56 -0.51 0.24 19.31
N LYS B 65 -6.55 0.58 8.36
CA LYS B 65 -6.79 -0.65 7.62
C LYS B 65 -6.04 -0.72 6.30
N ASP B 66 -5.21 0.30 6.07
CA ASP B 66 -4.35 0.40 4.90
C ASP B 66 -3.09 1.23 5.22
N LEU B 67 -2.97 1.77 6.43
CA LEU B 67 -1.69 2.26 6.94
C LEU B 67 -0.82 1.01 7.13
N VAL B 68 -1.51 -0.11 7.40
CA VAL B 68 -0.94 -1.43 7.54
C VAL B 68 -0.40 -1.95 6.20
N GLU B 69 -1.24 -1.98 5.16
CA GLU B 69 -0.83 -2.53 3.86
C GLU B 69 0.37 -1.76 3.29
N PHE B 70 0.46 -0.46 3.58
CA PHE B 70 1.61 0.35 3.17
C PHE B 70 2.89 -0.09 3.87
N MET B 71 2.80 -0.32 5.18
CA MET B 71 3.96 -0.78 5.94
C MET B 71 4.52 -2.12 5.45
N ILE B 72 3.65 -3.04 5.05
CA ILE B 72 4.07 -4.31 4.46
C ILE B 72 4.19 -4.29 2.91
N SER B 73 4.18 -3.09 2.32
CA SER B 73 4.21 -2.91 0.87
C SER B 73 5.58 -3.22 0.25
N GLY B 74 6.62 -3.18 1.05
CA GLY B 74 7.96 -3.53 0.61
C GLY B 74 8.95 -3.57 1.76
N PRO B 75 10.22 -3.86 1.46
CA PRO B 75 11.23 -3.88 2.53
C PRO B 75 11.38 -2.48 3.13
N VAL B 76 11.65 -2.44 4.43
CA VAL B 76 11.96 -1.20 5.14
C VAL B 76 13.36 -1.28 5.70
N MET B 77 13.91 -0.15 6.08
CA MET B 77 15.21 -0.15 6.75
C MET B 77 15.01 0.35 8.18
N ILE B 78 15.35 -0.49 9.15
CA ILE B 78 15.13 -0.16 10.56
C ILE B 78 16.49 0.04 11.23
N GLN B 79 16.57 1.09 12.06
CA GLN B 79 17.78 1.41 12.78
C GLN B 79 17.50 2.15 14.07
N VAL B 80 18.40 1.95 15.05
CA VAL B 80 18.37 2.64 16.33
C VAL B 80 19.40 3.75 16.22
N LEU B 81 18.98 4.97 16.57
CA LEU B 81 19.83 6.13 16.48
C LEU B 81 20.15 6.49 17.91
N GLU B 82 21.44 6.77 18.16
CA GLU B 82 21.89 7.12 19.48
C GLU B 82 22.60 8.46 19.49
N GLY B 83 22.33 9.26 20.51
CA GLY B 83 22.94 10.56 20.65
C GLY B 83 22.20 11.41 21.65
N GLU B 84 22.86 12.49 22.09
CA GLU B 84 22.21 13.44 22.97
C GLU B 84 20.96 13.96 22.29
N ASP B 85 19.83 13.83 22.99
CA ASP B 85 18.55 14.34 22.52
C ASP B 85 18.08 13.70 21.20
N ALA B 86 18.39 12.42 21.02
CA ALA B 86 18.20 11.72 19.76
C ALA B 86 16.75 11.65 19.33
N ILE B 87 15.83 11.62 20.28
CA ILE B 87 14.41 11.48 19.98
C ILE B 87 13.92 12.74 19.29
N LEU B 88 14.12 13.89 19.93
CA LEU B 88 13.68 15.17 19.39
C LEU B 88 14.46 15.49 18.11
N LYS B 89 15.79 15.34 18.16
CA LYS B 89 16.67 15.62 17.01
C LYS B 89 16.14 14.92 15.76
N ASN B 90 15.79 13.64 15.92
CA ASN B 90 15.23 12.82 14.87
C ASN B 90 13.89 13.36 14.34
N ARG B 91 13.02 13.80 15.25
CA ARG B 91 11.76 14.43 14.84
C ARG B 91 12.02 15.74 14.08
N ASP B 92 13.06 16.50 14.46
CA ASP B 92 13.41 17.71 13.71
C ASP B 92 13.80 17.37 12.28
N LEU B 93 14.65 16.34 12.13
CA LEU B 93 15.17 15.99 10.82
C LEU B 93 14.10 15.43 9.90
N MET B 94 13.18 14.66 10.45
CA MET B 94 12.11 14.01 9.67
C MET B 94 11.18 15.05 9.07
N GLY B 95 10.79 16.01 9.91
CA GLY B 95 9.80 17.03 9.54
C GLY B 95 8.40 16.57 9.95
N ALA B 96 7.43 17.44 9.73
CA ALA B 96 6.03 17.16 10.09
C ALA B 96 5.42 16.03 9.25
N THR B 97 4.44 15.35 9.81
CA THR B 97 3.82 14.15 9.20
C THR B 97 3.41 14.35 7.74
N ASP B 98 2.80 15.50 7.47
CA ASP B 98 2.39 15.88 6.13
C ASP B 98 3.59 16.55 5.46
N PRO B 99 4.18 15.91 4.41
CA PRO B 99 5.25 16.54 3.63
C PRO B 99 4.90 17.90 3.05
N LYS B 100 3.60 18.13 2.83
CA LYS B 100 3.10 19.45 2.49
C LYS B 100 3.43 20.46 3.61
N LYS B 101 3.25 20.04 4.87
CA LYS B 101 3.47 20.93 6.03
C LYS B 101 4.91 20.92 6.56
N ALA B 102 5.79 20.11 5.96
CA ALA B 102 7.13 19.92 6.46
C ALA B 102 8.06 21.06 6.03
N GLU B 103 9.01 21.41 6.89
CA GLU B 103 9.95 22.52 6.62
C GLU B 103 11.00 22.19 5.56
N LYS B 104 11.53 23.22 4.90
CA LYS B 104 12.61 23.07 3.93
C LYS B 104 13.76 22.23 4.51
N GLY B 105 14.23 21.28 3.70
CA GLY B 105 15.40 20.47 4.06
C GLY B 105 15.19 19.28 4.99
N THR B 106 13.97 19.08 5.48
CA THR B 106 13.67 17.90 6.30
C THR B 106 13.50 16.67 5.42
N ILE B 107 13.58 15.49 6.02
CA ILE B 107 13.48 14.23 5.27
C ILE B 107 12.14 14.06 4.53
N ARG B 108 11.05 14.36 5.22
CA ARG B 108 9.74 14.31 4.58
C ARG B 108 9.61 15.28 3.41
N ALA B 109 10.00 16.54 3.59
CA ALA B 109 9.90 17.52 2.51
C ALA B 109 10.69 17.11 1.27
N ASP B 110 11.79 16.36 1.47
CA ASP B 110 12.68 16.00 0.37
C ASP B 110 12.32 14.68 -0.30
N PHE B 111 11.73 13.76 0.45
CA PHE B 111 11.57 12.40 -0.02
C PHE B 111 10.16 11.83 0.15
N ALA B 112 9.25 12.53 0.83
CA ALA B 112 7.89 12.02 1.08
C ALA B 112 6.90 12.57 0.03
N ASP B 113 6.19 11.66 -0.62
CA ASP B 113 5.18 12.02 -1.60
C ASP B 113 3.83 12.39 -0.99
N SER B 114 3.40 11.73 0.09
CA SER B 114 2.06 11.99 0.64
C SER B 114 2.00 11.82 2.17
N ILE B 115 0.84 12.11 2.74
CA ILE B 115 0.59 11.88 4.16
C ILE B 115 0.77 10.40 4.45
N ASP B 116 0.27 9.56 3.55
CA ASP B 116 0.43 8.11 3.65
C ASP B 116 1.88 7.68 3.37
N ALA B 117 2.37 7.96 2.17
CA ALA B 117 3.74 7.64 1.79
C ALA B 117 4.70 8.72 2.32
N ASN B 118 4.93 8.73 3.63
CA ASN B 118 5.70 9.80 4.26
C ASN B 118 7.15 9.48 4.63
N ALA B 119 7.74 8.49 3.96
CA ALA B 119 9.17 8.29 3.95
C ALA B 119 9.76 7.60 5.17
N VAL B 120 9.52 8.17 6.35
CA VAL B 120 10.20 7.75 7.57
C VAL B 120 9.27 7.67 8.77
N HIS B 121 9.66 6.86 9.77
CA HIS B 121 9.04 6.90 11.09
C HIS B 121 10.08 7.15 12.15
N GLY B 122 9.66 7.76 13.25
CA GLY B 122 10.53 7.97 14.41
C GLY B 122 9.72 7.94 15.70
N SER B 123 10.35 7.48 16.78
CA SER B 123 9.70 7.34 18.08
C SER B 123 9.33 8.72 18.57
N ASP B 124 8.18 8.86 19.21
CA ASP B 124 7.70 10.21 19.57
C ASP B 124 7.91 10.57 21.04
N ALA B 125 8.36 9.62 21.84
CA ALA B 125 8.63 9.85 23.26
C ALA B 125 9.55 8.72 23.78
N PRO B 126 10.25 8.96 24.90
CA PRO B 126 11.07 7.93 25.56
C PRO B 126 10.40 6.55 25.77
N GLU B 127 9.17 6.54 26.29
CA GLU B 127 8.47 5.27 26.54
C GLU B 127 8.26 4.55 25.24
N THR B 128 7.79 5.26 24.21
CA THR B 128 7.60 4.64 22.90
C THR B 128 8.94 4.24 22.24
N ALA B 129 9.99 5.00 22.53
CA ALA B 129 11.33 4.66 22.05
C ALA B 129 11.73 3.30 22.59
N ARG B 130 11.58 3.13 23.89
CA ARG B 130 11.96 1.86 24.51
C ARG B 130 11.20 0.71 23.88
N VAL B 131 9.88 0.83 23.77
CA VAL B 131 9.01 -0.26 23.31
C VAL B 131 9.36 -0.65 21.87
N GLU B 132 9.51 0.33 21.01
CA GLU B 132 9.81 0.14 19.60
C GLU B 132 11.19 -0.50 19.36
N ILE B 133 12.21 -0.01 20.07
CA ILE B 133 13.56 -0.58 19.97
C ILE B 133 13.57 -2.07 20.35
N ALA B 134 12.94 -2.37 21.48
CA ALA B 134 12.83 -3.73 21.98
C ALA B 134 12.01 -4.60 21.02
N PHE B 135 11.06 -4.01 20.31
CA PHE B 135 10.21 -4.76 19.41
C PHE B 135 11.07 -5.33 18.27
N PHE B 136 11.97 -4.51 17.76
CA PHE B 136 12.69 -4.82 16.53
C PHE B 136 14.07 -5.38 16.74
N PHE B 137 14.68 -5.12 17.88
CA PHE B 137 16.05 -5.53 18.14
C PHE B 137 16.27 -6.20 19.51
N PRO B 138 17.00 -7.32 19.53
CA PRO B 138 17.49 -7.83 20.80
C PRO B 138 18.63 -6.93 21.27
N GLU B 139 18.72 -6.63 22.57
CA GLU B 139 19.79 -5.72 23.05
C GLU B 139 21.21 -6.17 22.66
N MET B 140 21.48 -7.47 22.58
CA MET B 140 22.80 -7.91 22.13
C MET B 140 23.15 -7.47 20.69
N ASN B 141 22.18 -7.02 19.89
CA ASN B 141 22.48 -6.48 18.56
C ASN B 141 22.28 -4.98 18.48
N VAL B 142 22.31 -4.31 19.64
CA VAL B 142 22.38 -2.87 19.69
C VAL B 142 23.70 -2.51 20.35
N TYR B 143 24.61 -1.93 19.57
CA TYR B 143 26.00 -1.70 19.97
C TYR B 143 26.28 -0.22 20.20
N SER B 144 25.97 0.25 21.39
CA SER B 144 26.24 1.63 21.76
C SER B 144 27.73 2.03 21.60
N ARG B 145 27.96 3.27 21.14
CA ARG B 145 29.30 3.78 20.92
C ARG B 145 29.27 5.31 20.81
#